data_1T8H
#
_entry.id   1T8H
#
_cell.length_a   41.970
_cell.length_b   48.879
_cell.length_c   135.041
_cell.angle_alpha   90.00
_cell.angle_beta   90.00
_cell.angle_gamma   90.00
#
_symmetry.space_group_name_H-M   'P 21 21 21'
#
loop_
_entity.id
_entity.type
_entity.pdbx_description
1 polymer 'YlmD protein sequence homologue'
2 non-polymer 'ZINC ION'
3 non-polymer BETA-MERCAPTOETHANOL
4 water water
#
_entity_poly.entity_id   1
_entity_poly.type   'polypeptide(L)'
_entity_poly.pdbx_seq_one_letter_code
;SNAMPDIFQQEARGWLRCGAPPFAGAVAGLTTKHGGESKGPFASLNMGLHVGDDRTDVVNNRRRLAEWLAFPLERWVCCE
QVHGADIQKVTKSDRGNGAQDFATAVPGVDGLYTDEAGVLLALCFADCVPIYFVAPSAGLVGLAHAGWRGTAGGIAGHMV
WLWQTREHIAPSDIYVAIGPAIGPCCYTVDDRVVDSLRPTLPPESPLPWRETSPGQYALDLKEANRLQLLAAGVPNSHIY
VSERCTSCEEALFFSHRRDRGTTGRMLAFIGRREEWT
;
_entity_poly.pdbx_strand_id   A
#
loop_
_chem_comp.id
_chem_comp.type
_chem_comp.name
_chem_comp.formula
BME non-polymer BETA-MERCAPTOETHANOL 'C2 H6 O S'
ZN non-polymer 'ZINC ION' 'Zn 2'
#
# COMPACT_ATOMS: atom_id res chain seq x y z
N MET A 4 -13.91 11.28 13.61
CA MET A 4 -14.40 9.88 13.84
C MET A 4 -13.25 8.87 13.66
N PRO A 5 -13.39 7.67 14.24
CA PRO A 5 -12.40 6.58 14.19
C PRO A 5 -11.71 6.33 12.85
N ASP A 6 -10.42 6.08 12.91
CA ASP A 6 -9.65 5.83 11.69
C ASP A 6 -10.06 4.46 11.16
N ILE A 7 -10.14 4.34 9.84
CA ILE A 7 -10.53 3.06 9.25
C ILE A 7 -9.57 1.93 9.61
N PHE A 8 -8.33 2.25 9.99
CA PHE A 8 -7.38 1.22 10.38
C PHE A 8 -7.25 1.25 11.90
N GLN A 9 -7.69 0.17 12.55
CA GLN A 9 -7.63 0.06 14.01
C GLN A 9 -6.75 -1.10 14.43
N GLN A 10 -6.05 -0.91 15.53
CA GLN A 10 -5.15 -1.94 16.02
C GLN A 10 -5.85 -3.20 16.47
N GLU A 11 -5.25 -4.34 16.13
CA GLU A 11 -5.78 -5.65 16.49
C GLU A 11 -5.03 -6.17 17.71
N ALA A 12 -5.30 -7.41 18.08
CA ALA A 12 -4.66 -8.04 19.23
C ALA A 12 -3.13 -7.89 19.20
N ARG A 13 -2.52 -8.23 18.07
CA ARG A 13 -1.07 -8.14 17.95
C ARG A 13 -0.58 -6.91 17.19
N GLY A 14 0.65 -7.00 16.70
CA GLY A 14 1.27 -5.90 15.99
C GLY A 14 0.77 -5.56 14.60
N TRP A 15 -0.54 -5.34 14.44
CA TRP A 15 -1.08 -4.97 13.14
C TRP A 15 -2.44 -4.25 13.13
N LEU A 16 -2.63 -3.36 12.16
CA LEU A 16 -3.88 -2.61 12.01
C LEU A 16 -4.75 -3.25 10.93
N ARG A 17 -6.01 -3.48 11.24
CA ARG A 17 -6.92 -4.07 10.26
C ARG A 17 -7.71 -2.98 9.55
N CYS A 18 -7.97 -3.19 8.26
CA CYS A 18 -8.74 -2.20 7.52
C CYS A 18 -10.21 -2.36 7.93
N GLY A 19 -10.72 -1.41 8.69
CA GLY A 19 -12.09 -1.48 9.18
C GLY A 19 -13.24 -1.03 8.29
N ALA A 20 -12.95 -0.73 7.02
CA ALA A 20 -14.01 -0.31 6.11
C ALA A 20 -14.91 -1.51 5.82
N PRO A 21 -16.23 -1.32 5.89
CA PRO A 21 -17.22 -2.38 5.63
C PRO A 21 -17.03 -3.27 4.41
N PRO A 22 -16.77 -2.68 3.23
CA PRO A 22 -16.56 -3.44 1.98
C PRO A 22 -15.41 -4.44 2.04
N PHE A 23 -14.51 -4.25 3.00
CA PHE A 23 -13.37 -5.16 3.18
C PHE A 23 -13.59 -6.24 4.23
N ALA A 24 -14.78 -6.30 4.82
CA ALA A 24 -15.05 -7.30 5.86
C ALA A 24 -14.88 -8.76 5.40
N GLY A 25 -15.00 -9.00 4.10
CA GLY A 25 -14.84 -10.34 3.58
C GLY A 25 -13.42 -10.73 3.26
N ALA A 26 -12.45 -9.91 3.63
CA ALA A 26 -11.08 -10.27 3.32
C ALA A 26 -10.13 -10.04 4.49
N VAL A 27 -8.92 -10.58 4.35
CA VAL A 27 -7.87 -10.39 5.34
C VAL A 27 -7.09 -9.18 4.79
N ALA A 28 -7.27 -8.03 5.41
CA ALA A 28 -6.62 -6.81 4.94
C ALA A 28 -6.14 -5.90 6.06
N GLY A 29 -4.89 -5.44 5.97
CA GLY A 29 -4.37 -4.56 7.01
C GLY A 29 -2.94 -4.10 6.76
N LEU A 30 -2.35 -3.48 7.78
CA LEU A 30 -0.97 -2.97 7.73
C LEU A 30 -0.31 -3.31 9.07
N THR A 31 0.91 -3.82 9.01
CA THR A 31 1.60 -4.17 10.26
C THR A 31 2.14 -2.89 10.93
N THR A 32 2.36 -2.98 12.24
CA THR A 32 2.99 -1.90 13.02
C THR A 32 4.43 -2.39 13.21
N LYS A 33 5.30 -1.55 13.75
CA LYS A 33 6.70 -1.90 13.89
C LYS A 33 7.06 -2.82 15.04
N HIS A 34 6.09 -3.18 15.86
CA HIS A 34 6.40 -4.01 17.03
C HIS A 34 6.10 -5.50 16.96
N GLY A 35 6.80 -6.25 17.81
CA GLY A 35 6.62 -7.70 17.90
C GLY A 35 7.56 -8.56 17.09
N GLY A 36 8.63 -7.98 16.56
CA GLY A 36 9.56 -8.74 15.75
C GLY A 36 10.91 -9.08 16.36
N GLU A 37 11.82 -9.52 15.49
CA GLU A 37 13.17 -9.96 15.84
C GLU A 37 14.26 -9.02 15.34
N SER A 38 13.91 -8.04 14.53
CA SER A 38 14.93 -7.16 13.97
C SER A 38 15.52 -6.17 14.96
N LYS A 39 16.74 -5.73 14.68
CA LYS A 39 17.51 -4.84 15.55
C LYS A 39 17.95 -3.51 14.95
N GLY A 40 18.41 -2.61 15.81
CA GLY A 40 18.88 -1.32 15.35
C GLY A 40 17.84 -0.47 14.66
N PRO A 41 18.17 0.09 13.50
CA PRO A 41 17.19 0.92 12.80
C PRO A 41 15.99 0.13 12.30
N PHE A 42 16.11 -1.20 12.28
CA PHE A 42 15.03 -2.03 11.80
C PHE A 42 14.11 -2.55 12.91
N ALA A 43 14.36 -2.13 14.15
CA ALA A 43 13.59 -2.67 15.27
C ALA A 43 12.09 -2.40 15.21
N SER A 44 11.24 -3.43 15.32
CA SER A 44 11.66 -4.83 15.40
C SER A 44 10.94 -5.70 14.37
N LEU A 45 9.74 -5.33 13.97
CA LEU A 45 9.02 -6.13 12.97
C LEU A 45 9.29 -5.66 11.53
N ASN A 46 10.55 -5.61 11.12
CA ASN A 46 10.84 -5.19 9.74
C ASN A 46 10.38 -6.30 8.79
N MET A 47 9.51 -5.96 7.83
CA MET A 47 9.01 -6.96 6.89
C MET A 47 9.74 -6.90 5.55
N GLY A 48 10.61 -5.91 5.37
CA GLY A 48 11.31 -5.79 4.10
C GLY A 48 12.60 -6.58 3.96
N LEU A 49 12.74 -7.33 2.87
CA LEU A 49 13.92 -8.14 2.62
C LEU A 49 14.96 -7.43 1.77
N HIS A 50 14.65 -6.23 1.32
CA HIS A 50 15.55 -5.52 0.42
C HIS A 50 16.15 -4.25 1.00
N VAL A 51 16.19 -4.13 2.33
CA VAL A 51 16.71 -2.92 2.94
C VAL A 51 17.98 -3.09 3.75
N GLY A 52 18.68 -4.22 3.55
CA GLY A 52 19.93 -4.46 4.27
C GLY A 52 19.82 -5.04 5.67
N ASP A 53 18.63 -5.50 6.06
CA ASP A 53 18.46 -6.08 7.40
C ASP A 53 18.91 -7.55 7.35
N ASP A 54 18.96 -8.23 8.49
CA ASP A 54 19.35 -9.65 8.51
C ASP A 54 18.19 -10.46 7.96
N ARG A 55 18.45 -11.29 6.95
CA ARG A 55 17.39 -12.07 6.30
C ARG A 55 16.70 -13.08 7.20
N THR A 56 17.43 -13.66 8.13
CA THR A 56 16.80 -14.62 9.03
C THR A 56 15.76 -13.91 9.90
N ASP A 57 16.13 -12.74 10.41
CA ASP A 57 15.26 -11.95 11.26
C ASP A 57 13.98 -11.57 10.48
N VAL A 58 14.14 -11.07 9.25
CA VAL A 58 12.98 -10.67 8.44
C VAL A 58 12.07 -11.83 8.10
N VAL A 59 12.63 -13.00 7.79
CA VAL A 59 11.79 -14.16 7.47
C VAL A 59 11.04 -14.59 8.74
N ASN A 60 11.67 -14.48 9.90
CA ASN A 60 10.94 -14.85 11.13
C ASN A 60 9.81 -13.85 11.40
N ASN A 61 10.04 -12.57 11.13
CA ASN A 61 8.99 -11.57 11.30
C ASN A 61 7.80 -11.92 10.36
N ARG A 62 8.09 -12.25 9.10
CA ARG A 62 7.01 -12.61 8.19
C ARG A 62 6.30 -13.89 8.71
N ARG A 63 7.05 -14.85 9.27
CA ARG A 63 6.41 -16.06 9.82
C ARG A 63 5.49 -15.64 10.98
N ARG A 64 5.93 -14.66 11.75
CA ARG A 64 5.13 -14.18 12.88
C ARG A 64 3.79 -13.66 12.35
N LEU A 65 3.83 -12.84 11.30
CA LEU A 65 2.59 -12.32 10.75
C LEU A 65 1.71 -13.43 10.18
N ALA A 66 2.34 -14.38 9.48
CA ALA A 66 1.58 -15.47 8.88
C ALA A 66 0.83 -16.19 9.99
N GLU A 67 1.45 -16.24 11.16
CA GLU A 67 0.86 -16.88 12.33
C GLU A 67 -0.32 -16.06 12.89
N TRP A 68 -0.17 -14.75 13.00
CA TRP A 68 -1.27 -13.92 13.51
C TRP A 68 -2.48 -13.94 12.55
N LEU A 69 -2.20 -13.98 11.26
CA LEU A 69 -3.25 -13.99 10.24
C LEU A 69 -3.76 -15.38 9.88
N ALA A 70 -3.08 -16.41 10.34
CA ALA A 70 -3.45 -17.79 10.01
C ALA A 70 -3.48 -17.87 8.48
N PHE A 71 -2.46 -17.28 7.86
CA PHE A 71 -2.35 -17.23 6.40
C PHE A 71 -0.86 -17.52 6.10
N PRO A 72 -0.50 -18.81 5.94
CA PRO A 72 0.87 -19.27 5.66
C PRO A 72 1.71 -18.43 4.69
N LEU A 73 2.99 -18.33 4.98
CA LEU A 73 3.94 -17.55 4.17
C LEU A 73 4.07 -18.12 2.77
N GLU A 74 3.84 -19.42 2.63
CA GLU A 74 3.93 -20.05 1.29
C GLU A 74 2.84 -19.54 0.33
N ARG A 75 1.86 -18.81 0.85
CA ARG A 75 0.78 -18.32 0.01
C ARG A 75 0.87 -16.84 -0.34
N TRP A 76 1.96 -16.20 0.07
CA TRP A 76 2.14 -14.78 -0.18
C TRP A 76 2.73 -14.52 -1.56
N VAL A 77 2.44 -13.35 -2.11
CA VAL A 77 2.99 -12.95 -3.39
C VAL A 77 3.46 -11.51 -3.22
N CYS A 78 4.73 -11.27 -3.54
CA CYS A 78 5.33 -9.94 -3.48
C CYS A 78 5.86 -9.52 -4.86
N CYS A 79 6.07 -8.23 -5.02
CA CYS A 79 6.60 -7.71 -6.28
C CYS A 79 7.82 -6.84 -6.02
N GLU A 80 8.52 -6.50 -7.10
CA GLU A 80 9.75 -5.73 -6.98
C GLU A 80 9.64 -4.32 -6.40
N GLN A 81 8.55 -3.61 -6.72
CA GLN A 81 8.27 -2.23 -6.28
C GLN A 81 9.33 -1.28 -6.80
N VAL A 82 9.29 -1.03 -8.12
CA VAL A 82 10.27 -0.17 -8.78
C VAL A 82 9.87 1.29 -8.90
N HIS A 83 8.83 1.69 -8.16
CA HIS A 83 8.32 3.05 -8.22
C HIS A 83 7.78 3.46 -9.61
N GLY A 84 7.22 2.49 -10.31
CA GLY A 84 6.59 2.75 -11.60
C GLY A 84 5.07 2.59 -11.43
N ALA A 85 4.34 2.45 -12.53
CA ALA A 85 2.88 2.30 -12.49
C ALA A 85 2.36 0.99 -13.10
N ASP A 86 3.21 -0.02 -13.22
CA ASP A 86 2.76 -1.28 -13.80
C ASP A 86 2.14 -2.17 -12.74
N ILE A 87 1.21 -3.02 -13.16
CA ILE A 87 0.47 -3.90 -12.26
C ILE A 87 0.36 -5.27 -12.90
N GLN A 88 0.37 -6.33 -12.10
CA GLN A 88 0.27 -7.65 -12.68
C GLN A 88 -0.77 -8.50 -11.95
N LYS A 89 -1.53 -9.27 -12.72
CA LYS A 89 -2.54 -10.17 -12.16
C LYS A 89 -1.81 -11.44 -11.74
N VAL A 90 -2.12 -11.94 -10.55
CA VAL A 90 -1.46 -13.15 -10.06
C VAL A 90 -2.46 -14.22 -9.65
N THR A 91 -1.97 -15.45 -9.59
CA THR A 91 -2.78 -16.60 -9.23
C THR A 91 -2.03 -17.52 -8.28
N LYS A 92 -2.63 -18.66 -7.98
CA LYS A 92 -2.01 -19.59 -7.05
C LYS A 92 -0.65 -20.03 -7.55
N SER A 93 -0.41 -19.94 -8.87
CA SER A 93 0.87 -20.38 -9.42
C SER A 93 2.02 -19.42 -9.08
N ASP A 94 1.69 -18.25 -8.56
CA ASP A 94 2.71 -17.28 -8.20
C ASP A 94 3.00 -17.31 -6.70
N ARG A 95 2.24 -18.11 -5.94
CA ARG A 95 2.43 -18.21 -4.49
C ARG A 95 3.88 -18.43 -4.16
N GLY A 96 4.34 -17.72 -3.14
CA GLY A 96 5.73 -17.86 -2.74
C GLY A 96 6.70 -16.92 -3.44
N ASN A 97 6.31 -16.29 -4.57
CA ASN A 97 7.26 -15.40 -5.23
C ASN A 97 7.61 -14.19 -4.36
N GLY A 98 8.90 -14.07 -4.00
CA GLY A 98 9.36 -12.95 -3.19
C GLY A 98 8.96 -13.04 -1.73
N ALA A 99 8.46 -14.19 -1.32
CA ALA A 99 8.03 -14.41 0.06
C ALA A 99 9.20 -14.56 1.03
N GLN A 100 10.24 -15.27 0.62
CA GLN A 100 11.40 -15.46 1.47
C GLN A 100 12.67 -14.99 0.79
N ASP A 101 12.63 -14.90 -0.54
CA ASP A 101 13.76 -14.42 -1.30
C ASP A 101 13.27 -13.28 -2.21
N PHE A 102 13.74 -12.07 -1.92
N PHE A 102 13.72 -12.06 -1.93
CA PHE A 102 13.37 -10.88 -2.68
CA PHE A 102 13.30 -10.90 -2.72
C PHE A 102 13.58 -11.05 -4.19
C PHE A 102 13.59 -11.01 -4.21
N ALA A 103 14.64 -11.76 -4.55
CA ALA A 103 14.99 -11.94 -5.96
C ALA A 103 13.92 -12.72 -6.78
N THR A 104 13.03 -13.44 -6.11
CA THR A 104 11.99 -14.17 -6.85
C THR A 104 10.65 -13.42 -6.86
N ALA A 105 10.65 -12.17 -6.41
CA ALA A 105 9.42 -11.38 -6.43
C ALA A 105 8.98 -11.06 -7.86
N VAL A 106 7.69 -10.81 -8.06
CA VAL A 106 7.18 -10.46 -9.39
C VAL A 106 7.96 -9.22 -9.83
N PRO A 107 8.71 -9.32 -10.94
CA PRO A 107 9.50 -8.18 -11.38
C PRO A 107 8.82 -7.01 -12.08
N GLY A 108 9.43 -5.85 -11.89
CA GLY A 108 9.00 -4.63 -12.54
C GLY A 108 7.62 -4.06 -12.38
N VAL A 109 6.94 -4.40 -11.30
CA VAL A 109 5.61 -3.86 -11.06
C VAL A 109 5.53 -3.30 -9.66
N ASP A 110 4.52 -2.47 -9.42
CA ASP A 110 4.29 -1.84 -8.12
C ASP A 110 2.86 -2.07 -7.62
N GLY A 111 2.15 -2.99 -8.26
CA GLY A 111 0.79 -3.33 -7.88
C GLY A 111 0.44 -4.74 -8.33
N LEU A 112 -0.39 -5.40 -7.54
CA LEU A 112 -0.88 -6.76 -7.82
C LEU A 112 -2.38 -6.86 -7.57
N TYR A 113 -3.03 -7.84 -8.20
CA TYR A 113 -4.44 -8.09 -7.97
C TYR A 113 -4.70 -9.55 -8.27
N THR A 114 -5.70 -10.13 -7.60
CA THR A 114 -6.05 -11.52 -7.81
C THR A 114 -7.56 -11.73 -7.63
N ASP A 115 -8.13 -12.70 -8.34
CA ASP A 115 -9.54 -13.00 -8.15
C ASP A 115 -9.66 -14.39 -7.54
N GLU A 116 -8.54 -14.91 -7.03
CA GLU A 116 -8.56 -16.22 -6.38
C GLU A 116 -8.43 -16.08 -4.87
N ALA A 117 -8.88 -17.11 -4.15
CA ALA A 117 -8.74 -17.10 -2.70
C ALA A 117 -7.43 -17.83 -2.36
N GLY A 118 -6.95 -17.67 -1.13
CA GLY A 118 -5.74 -18.35 -0.71
C GLY A 118 -4.44 -17.74 -1.25
N VAL A 119 -4.52 -16.49 -1.68
CA VAL A 119 -3.35 -15.78 -2.20
C VAL A 119 -3.28 -14.45 -1.43
N LEU A 120 -2.19 -14.22 -0.70
CA LEU A 120 -2.06 -12.97 0.04
C LEU A 120 -1.12 -11.98 -0.67
N LEU A 121 -1.67 -10.87 -1.16
CA LEU A 121 -0.86 -9.86 -1.84
C LEU A 121 -0.12 -9.12 -0.74
N ALA A 122 1.18 -8.97 -0.90
CA ALA A 122 1.98 -8.39 0.17
C ALA A 122 3.02 -7.39 -0.33
N LEU A 123 2.81 -6.11 0.00
CA LEU A 123 3.72 -5.02 -0.41
C LEU A 123 4.29 -4.25 0.78
N CYS A 124 5.50 -3.70 0.59
CA CYS A 124 6.22 -2.97 1.64
C CYS A 124 6.11 -1.45 1.59
N PHE A 125 6.00 -0.86 2.79
CA PHE A 125 5.84 0.59 2.94
C PHE A 125 6.50 1.21 4.17
N ALA A 126 6.86 2.47 4.04
CA ALA A 126 7.41 3.27 5.13
C ALA A 126 7.30 4.74 4.76
N ASP A 127 6.10 5.18 4.34
CA ASP A 127 5.77 6.56 3.94
C ASP A 127 4.93 6.61 2.65
N CYS A 128 5.29 5.80 1.64
CA CYS A 128 4.51 5.80 0.40
C CYS A 128 3.10 5.31 0.63
N VAL A 129 2.19 5.61 -0.29
CA VAL A 129 0.80 5.26 -0.12
C VAL A 129 0.35 3.86 -0.47
N PRO A 130 -0.23 3.14 0.51
CA PRO A 130 -0.70 1.79 0.22
C PRO A 130 -2.17 1.95 -0.20
N ILE A 131 -2.52 1.44 -1.38
CA ILE A 131 -3.88 1.52 -1.91
C ILE A 131 -4.46 0.13 -2.08
N TYR A 132 -5.48 -0.16 -1.27
CA TYR A 132 -6.16 -1.45 -1.25
C TYR A 132 -7.43 -1.38 -2.07
N PHE A 133 -7.65 -2.41 -2.90
CA PHE A 133 -8.85 -2.45 -3.77
C PHE A 133 -9.65 -3.72 -3.53
N VAL A 134 -10.98 -3.62 -3.64
CA VAL A 134 -11.78 -4.82 -3.52
C VAL A 134 -13.08 -4.66 -4.32
N ALA A 135 -13.51 -5.78 -4.91
CA ALA A 135 -14.78 -5.90 -5.66
C ALA A 135 -15.33 -7.15 -5.00
N PRO A 136 -16.02 -6.98 -3.86
CA PRO A 136 -16.61 -8.08 -3.08
C PRO A 136 -17.42 -9.08 -3.90
N SER A 137 -18.31 -8.56 -4.72
CA SER A 137 -19.13 -9.44 -5.53
C SER A 137 -18.26 -10.36 -6.39
N ALA A 138 -17.45 -9.77 -7.27
CA ALA A 138 -16.58 -10.53 -8.17
C ALA A 138 -15.41 -11.27 -7.49
N GLY A 139 -15.18 -11.00 -6.21
CA GLY A 139 -14.10 -11.68 -5.51
C GLY A 139 -12.71 -11.22 -5.92
N LEU A 140 -12.58 -9.95 -6.27
CA LEU A 140 -11.27 -9.40 -6.64
C LEU A 140 -10.67 -8.58 -5.51
N VAL A 141 -9.35 -8.72 -5.32
CA VAL A 141 -8.68 -7.86 -4.35
C VAL A 141 -7.44 -7.35 -5.05
N GLY A 142 -7.00 -6.15 -4.69
CA GLY A 142 -5.80 -5.60 -5.30
C GLY A 142 -5.03 -4.73 -4.35
N LEU A 143 -3.73 -4.57 -4.61
CA LEU A 143 -2.88 -3.75 -3.76
C LEU A 143 -1.84 -3.06 -4.60
N ALA A 144 -1.68 -1.76 -4.40
CA ALA A 144 -0.72 -0.94 -5.14
C ALA A 144 0.13 -0.04 -4.22
N HIS A 145 1.38 0.17 -4.64
CA HIS A 145 2.37 0.99 -3.93
C HIS A 145 2.51 2.30 -4.71
N ALA A 146 2.11 3.42 -4.10
CA ALA A 146 2.16 4.71 -4.78
C ALA A 146 2.95 5.84 -4.13
N GLY A 147 4.17 6.04 -4.59
CA GLY A 147 4.98 7.14 -4.11
C GLY A 147 4.68 8.26 -5.10
N TRP A 148 5.45 9.36 -5.12
CA TRP A 148 5.14 10.43 -6.06
C TRP A 148 5.30 10.00 -7.53
N ARG A 149 6.31 9.18 -7.82
CA ARG A 149 6.51 8.74 -9.19
C ARG A 149 5.37 7.83 -9.68
N GLY A 150 4.95 6.87 -8.87
CA GLY A 150 3.86 6.01 -9.30
C GLY A 150 2.53 6.74 -9.42
N THR A 151 2.34 7.74 -8.59
CA THR A 151 1.12 8.56 -8.61
C THR A 151 1.18 9.41 -9.89
N ALA A 152 2.36 9.95 -10.20
CA ALA A 152 2.47 10.73 -11.42
C ALA A 152 2.21 9.80 -12.63
N GLY A 153 2.50 8.52 -12.47
CA GLY A 153 2.27 7.57 -13.54
C GLY A 153 0.84 7.05 -13.60
N GLY A 154 -0.01 7.51 -12.68
CA GLY A 154 -1.38 7.05 -12.65
C GLY A 154 -1.62 5.60 -12.23
N ILE A 155 -0.80 5.06 -11.34
CA ILE A 155 -0.99 3.64 -10.93
C ILE A 155 -2.39 3.33 -10.39
N ALA A 156 -2.97 4.24 -9.59
CA ALA A 156 -4.30 4.00 -9.05
C ALA A 156 -5.37 3.83 -10.14
N GLY A 157 -5.40 4.74 -11.11
CA GLY A 157 -6.38 4.63 -12.19
C GLY A 157 -6.11 3.44 -13.09
N HIS A 158 -4.85 3.04 -13.15
CA HIS A 158 -4.46 1.92 -13.99
C HIS A 158 -5.07 0.63 -13.45
N MET A 159 -5.19 0.53 -12.12
CA MET A 159 -5.78 -0.66 -11.50
C MET A 159 -7.26 -0.70 -11.92
N VAL A 160 -7.95 0.43 -11.76
CA VAL A 160 -9.36 0.51 -12.12
C VAL A 160 -9.54 0.15 -13.60
N TRP A 161 -8.68 0.71 -14.44
CA TRP A 161 -8.75 0.44 -15.89
C TRP A 161 -8.61 -1.05 -16.15
N LEU A 162 -7.63 -1.69 -15.53
CA LEU A 162 -7.46 -3.13 -15.74
C LEU A 162 -8.67 -3.93 -15.30
N TRP A 163 -9.27 -3.59 -14.16
CA TRP A 163 -10.43 -4.32 -13.67
C TRP A 163 -11.62 -4.13 -14.61
N GLN A 164 -11.73 -2.92 -15.14
CA GLN A 164 -12.80 -2.55 -16.07
C GLN A 164 -12.66 -3.27 -17.40
N THR A 165 -11.51 -3.10 -18.04
CA THR A 165 -11.29 -3.69 -19.37
C THR A 165 -10.90 -5.17 -19.46
N ARG A 166 -10.16 -5.67 -18.48
CA ARG A 166 -9.76 -7.08 -18.54
C ARG A 166 -10.58 -8.01 -17.68
N GLU A 167 -11.16 -7.50 -16.60
CA GLU A 167 -11.94 -8.35 -15.73
C GLU A 167 -13.43 -8.06 -15.83
N HIS A 168 -13.79 -7.11 -16.69
CA HIS A 168 -15.19 -6.72 -16.90
C HIS A 168 -15.94 -6.35 -15.62
N ILE A 169 -15.29 -5.54 -14.78
CA ILE A 169 -15.85 -5.06 -13.52
C ILE A 169 -16.15 -3.57 -13.67
N ALA A 170 -17.31 -3.14 -13.18
CA ALA A 170 -17.68 -1.73 -13.28
C ALA A 170 -17.06 -0.94 -12.13
N PRO A 171 -16.51 0.25 -12.42
CA PRO A 171 -15.91 1.07 -11.36
C PRO A 171 -16.85 1.20 -10.16
N SER A 172 -18.16 1.18 -10.42
CA SER A 172 -19.15 1.30 -9.37
C SER A 172 -19.18 0.07 -8.47
N ASP A 173 -18.52 -1.02 -8.92
CA ASP A 173 -18.46 -2.25 -8.13
C ASP A 173 -17.14 -2.31 -7.34
N ILE A 174 -16.32 -1.27 -7.45
CA ILE A 174 -15.03 -1.22 -6.74
C ILE A 174 -15.06 -0.33 -5.51
N TYR A 175 -14.33 -0.75 -4.48
CA TYR A 175 -14.18 -0.04 -3.23
C TYR A 175 -12.67 0.04 -2.96
N VAL A 176 -12.24 1.13 -2.34
CA VAL A 176 -10.83 1.37 -2.07
C VAL A 176 -10.56 1.95 -0.70
N ALA A 177 -9.43 1.56 -0.13
CA ALA A 177 -8.99 2.07 1.15
C ALA A 177 -7.59 2.58 0.92
N ILE A 178 -7.34 3.80 1.38
CA ILE A 178 -6.04 4.43 1.27
C ILE A 178 -5.49 4.41 2.69
N GLY A 179 -4.46 3.59 2.90
CA GLY A 179 -3.88 3.44 4.22
C GLY A 179 -2.84 4.45 4.69
N PRO A 180 -2.30 4.23 5.89
CA PRO A 180 -1.29 5.10 6.52
C PRO A 180 -0.11 5.38 5.58
N ALA A 181 0.25 6.66 5.48
CA ALA A 181 1.32 7.10 4.61
C ALA A 181 1.77 8.45 5.14
N ILE A 182 2.79 9.05 4.54
CA ILE A 182 3.26 10.35 5.04
C ILE A 182 2.27 11.44 4.62
N GLY A 183 1.93 12.33 5.53
CA GLY A 183 0.97 13.38 5.22
C GLY A 183 1.62 14.69 4.83
N PRO A 184 0.82 15.68 4.42
CA PRO A 184 1.40 16.98 4.03
C PRO A 184 2.02 17.64 5.25
N CYS A 185 1.63 17.16 6.42
CA CYS A 185 2.15 17.66 7.67
C CYS A 185 3.67 17.47 7.74
N CYS A 186 4.18 16.44 7.06
CA CYS A 186 5.61 16.13 7.09
C CYS A 186 6.28 15.99 5.70
N TYR A 187 5.48 15.95 4.65
CA TYR A 187 6.03 15.76 3.30
C TYR A 187 6.06 17.03 2.46
N THR A 188 7.25 17.59 2.28
CA THR A 188 7.42 18.80 1.48
C THR A 188 8.26 18.52 0.23
N VAL A 189 7.77 18.97 -0.92
CA VAL A 189 8.46 18.75 -2.21
C VAL A 189 8.59 20.03 -3.02
N ASP A 190 9.33 19.95 -4.13
CA ASP A 190 9.54 21.09 -5.01
C ASP A 190 8.71 21.05 -6.29
N ASP A 191 8.96 22.01 -7.18
CA ASP A 191 8.23 22.12 -8.43
C ASP A 191 8.27 20.92 -9.37
N ARG A 192 9.40 20.23 -9.43
CA ARG A 192 9.50 19.08 -10.33
C ARG A 192 8.50 18.00 -9.93
N VAL A 193 8.37 17.78 -8.63
CA VAL A 193 7.43 16.78 -8.13
C VAL A 193 5.99 17.18 -8.45
N VAL A 194 5.54 18.33 -7.98
CA VAL A 194 4.16 18.74 -8.23
C VAL A 194 3.87 18.92 -9.72
N ASP A 195 4.84 19.41 -10.49
CA ASP A 195 4.59 19.54 -11.92
C ASP A 195 4.29 18.18 -12.56
N SER A 196 4.92 17.12 -12.05
CA SER A 196 4.68 15.79 -12.64
C SER A 196 3.28 15.25 -12.30
N LEU A 197 2.66 15.82 -11.26
CA LEU A 197 1.33 15.38 -10.85
C LEU A 197 0.20 16.14 -11.55
N ARG A 198 0.43 17.41 -11.84
CA ARG A 198 -0.57 18.26 -12.49
C ARG A 198 -1.38 17.59 -13.61
N PRO A 199 -0.70 17.04 -14.63
CA PRO A 199 -1.36 16.38 -15.76
C PRO A 199 -2.25 15.18 -15.41
N THR A 200 -2.14 14.71 -14.18
CA THR A 200 -2.92 13.56 -13.76
C THR A 200 -4.27 13.91 -13.14
N LEU A 201 -4.52 15.19 -12.94
CA LEU A 201 -5.76 15.64 -12.33
C LEU A 201 -6.67 16.35 -13.33
N PRO A 202 -7.99 16.30 -13.10
CA PRO A 202 -8.92 16.97 -14.01
C PRO A 202 -8.67 18.47 -14.00
N PRO A 203 -8.74 19.09 -15.19
CA PRO A 203 -8.53 20.52 -15.44
C PRO A 203 -8.99 21.49 -14.35
N GLU A 204 -10.12 21.21 -13.72
CA GLU A 204 -10.65 22.12 -12.70
C GLU A 204 -10.54 21.58 -11.28
N SER A 205 -9.80 20.51 -11.11
CA SER A 205 -9.67 19.88 -9.80
C SER A 205 -8.89 20.66 -8.74
N PRO A 206 -9.28 20.51 -7.47
CA PRO A 206 -8.59 21.20 -6.39
C PRO A 206 -7.25 20.47 -6.24
N LEU A 207 -6.16 21.21 -6.04
CA LEU A 207 -4.83 20.60 -5.95
C LEU A 207 -4.52 19.96 -4.60
N PRO A 208 -3.91 18.77 -4.62
CA PRO A 208 -3.58 18.08 -3.38
C PRO A 208 -2.27 18.56 -2.75
N TRP A 209 -2.01 19.86 -2.88
CA TRP A 209 -0.82 20.44 -2.28
C TRP A 209 -1.02 21.91 -1.95
N ARG A 210 -0.10 22.45 -1.16
CA ARG A 210 -0.18 23.83 -0.72
C ARG A 210 1.22 24.44 -0.66
N GLU A 211 1.46 25.49 -1.44
CA GLU A 211 2.78 26.11 -1.43
C GLU A 211 2.97 26.76 -0.06
N THR A 212 3.98 26.32 0.68
CA THR A 212 4.25 26.82 2.01
C THR A 212 5.27 27.95 2.02
N SER A 213 6.13 27.94 0.99
N SER A 213 6.12 27.95 0.99
CA SER A 213 7.18 28.94 0.79
CA SER A 213 7.15 28.98 0.79
C SER A 213 7.44 28.90 -0.71
C SER A 213 7.41 28.91 -0.71
N PRO A 214 8.03 29.96 -1.28
CA PRO A 214 8.30 29.95 -2.71
C PRO A 214 9.00 28.68 -3.23
N GLY A 215 8.27 27.90 -4.04
CA GLY A 215 8.84 26.68 -4.59
C GLY A 215 8.80 25.44 -3.72
N GLN A 216 8.18 25.54 -2.54
CA GLN A 216 8.07 24.40 -1.63
C GLN A 216 6.61 24.08 -1.39
N TYR A 217 6.27 22.81 -1.52
CA TYR A 217 4.89 22.40 -1.34
C TYR A 217 4.64 21.26 -0.36
N ALA A 218 3.66 21.47 0.49
CA ALA A 218 3.24 20.47 1.47
C ALA A 218 2.34 19.60 0.60
N LEU A 219 2.82 18.40 0.32
CA LEU A 219 2.12 17.45 -0.56
C LEU A 219 1.31 16.38 0.15
N ASP A 220 0.08 16.15 -0.33
CA ASP A 220 -0.81 15.13 0.24
C ASP A 220 -1.08 14.06 -0.80
N LEU A 221 -0.19 13.05 -0.84
CA LEU A 221 -0.32 11.94 -1.77
C LEU A 221 -1.57 11.11 -1.62
N LYS A 222 -2.08 10.99 -0.39
CA LYS A 222 -3.32 10.24 -0.17
C LYS A 222 -4.43 10.92 -0.97
N GLU A 223 -4.51 12.24 -0.84
CA GLU A 223 -5.54 13.03 -1.52
C GLU A 223 -5.34 13.01 -3.04
N ALA A 224 -4.08 13.04 -3.47
CA ALA A 224 -3.81 13.00 -4.90
C ALA A 224 -4.39 11.71 -5.49
N ASN A 225 -4.16 10.58 -4.81
CA ASN A 225 -4.67 9.31 -5.30
C ASN A 225 -6.20 9.25 -5.19
N ARG A 226 -6.75 9.87 -4.16
CA ARG A 226 -8.21 9.89 -4.03
C ARG A 226 -8.82 10.59 -5.24
N LEU A 227 -8.24 11.73 -5.63
CA LEU A 227 -8.74 12.48 -6.78
C LEU A 227 -8.61 11.69 -8.09
N GLN A 228 -7.51 10.94 -8.26
CA GLN A 228 -7.34 10.15 -9.47
C GLN A 228 -8.38 9.01 -9.53
N LEU A 229 -8.68 8.42 -8.37
CA LEU A 229 -9.65 7.33 -8.29
C LEU A 229 -11.07 7.81 -8.64
N LEU A 230 -11.39 9.02 -8.21
CA LEU A 230 -12.69 9.62 -8.47
C LEU A 230 -12.81 9.80 -9.98
N ALA A 231 -11.73 10.31 -10.59
CA ALA A 231 -11.73 10.54 -12.03
C ALA A 231 -11.86 9.24 -12.80
N ALA A 232 -11.26 8.18 -12.26
CA ALA A 232 -11.31 6.87 -12.91
C ALA A 232 -12.69 6.21 -12.84
N GLY A 233 -13.61 6.82 -12.09
CA GLY A 233 -14.94 6.26 -11.97
C GLY A 233 -15.33 5.62 -10.64
N VAL A 234 -14.41 5.57 -9.66
CA VAL A 234 -14.75 4.97 -8.36
C VAL A 234 -15.59 5.95 -7.57
N PRO A 235 -16.77 5.51 -7.10
CA PRO A 235 -17.64 6.40 -6.33
C PRO A 235 -17.03 6.96 -5.06
N ASN A 236 -17.28 8.24 -4.82
CA ASN A 236 -16.80 8.95 -3.65
C ASN A 236 -17.07 8.17 -2.36
N SER A 237 -18.28 7.64 -2.22
CA SER A 237 -18.63 6.92 -1.00
C SER A 237 -18.00 5.52 -0.90
N HIS A 238 -17.30 5.08 -1.95
CA HIS A 238 -16.65 3.77 -1.89
C HIS A 238 -15.16 3.93 -1.54
N ILE A 239 -14.71 5.16 -1.30
CA ILE A 239 -13.29 5.42 -1.00
C ILE A 239 -13.08 5.81 0.45
N TYR A 240 -12.30 5.00 1.16
CA TYR A 240 -12.03 5.23 2.56
C TYR A 240 -10.57 5.67 2.70
N VAL A 241 -10.33 6.67 3.54
CA VAL A 241 -8.96 7.18 3.70
C VAL A 241 -8.49 7.26 5.15
N SER A 242 -7.36 6.62 5.44
CA SER A 242 -6.80 6.66 6.77
C SER A 242 -6.22 8.04 7.02
N GLU A 243 -6.31 8.53 8.25
CA GLU A 243 -5.72 9.84 8.54
C GLU A 243 -4.39 9.69 9.26
N ARG A 244 -3.93 8.46 9.43
CA ARG A 244 -2.65 8.22 10.11
C ARG A 244 -1.44 8.59 9.25
N CYS A 245 -0.52 9.34 9.85
CA CYS A 245 0.72 9.75 9.17
C CYS A 245 1.84 8.89 9.72
N THR A 246 2.55 8.20 8.82
CA THR A 246 3.66 7.33 9.20
C THR A 246 4.80 8.06 9.89
N SER A 247 5.06 9.29 9.45
CA SER A 247 6.10 10.09 10.07
C SER A 247 5.67 10.58 11.47
N CYS A 248 4.42 11.02 11.60
CA CYS A 248 3.95 11.51 12.89
C CYS A 248 3.78 10.44 13.94
N GLU A 249 3.26 9.29 13.55
CA GLU A 249 3.02 8.20 14.50
C GLU A 249 4.20 7.25 14.68
N GLU A 250 5.27 7.79 15.26
CA GLU A 250 6.51 7.07 15.51
C GLU A 250 6.35 5.87 16.44
N ALA A 251 5.26 5.82 17.19
CA ALA A 251 5.02 4.72 18.12
C ALA A 251 4.51 3.49 17.39
N LEU A 252 4.09 3.67 16.13
CA LEU A 252 3.58 2.53 15.40
C LEU A 252 4.30 2.21 14.11
N PHE A 253 4.90 3.22 13.48
CA PHE A 253 5.51 3.04 12.15
C PHE A 253 6.95 3.40 11.87
N PHE A 254 7.51 2.75 10.85
CA PHE A 254 8.84 3.04 10.35
C PHE A 254 8.49 4.20 9.40
N SER A 255 9.44 5.10 9.20
CA SER A 255 9.23 6.25 8.31
C SER A 255 10.53 6.56 7.62
N HIS A 256 10.56 6.35 6.31
CA HIS A 256 11.76 6.61 5.51
C HIS A 256 12.27 8.04 5.74
N ARG A 257 11.35 9.00 5.80
CA ARG A 257 11.72 10.39 6.02
C ARG A 257 12.14 10.71 7.46
N ARG A 258 11.30 10.34 8.43
CA ARG A 258 11.63 10.60 9.82
C ARG A 258 12.91 9.89 10.30
N ASP A 259 13.11 8.67 9.84
CA ASP A 259 14.25 7.86 10.23
C ASP A 259 15.48 8.08 9.34
N ARG A 260 15.43 9.13 8.53
CA ARG A 260 16.56 9.47 7.66
C ARG A 260 17.12 8.41 6.72
N GLY A 261 16.20 7.74 6.00
CA GLY A 261 16.58 6.76 5.00
C GLY A 261 16.95 5.35 5.37
N THR A 262 17.25 5.10 6.64
CA THR A 262 17.61 3.76 7.03
C THR A 262 16.62 3.30 8.07
N THR A 263 15.72 2.42 7.65
CA THR A 263 14.68 1.96 8.55
C THR A 263 14.01 0.72 7.98
N GLY A 264 13.09 0.12 8.73
CA GLY A 264 12.41 -1.06 8.25
C GLY A 264 11.21 -0.70 7.42
N ARG A 265 10.39 -1.71 7.12
CA ARG A 265 9.17 -1.55 6.33
C ARG A 265 8.01 -2.29 6.95
N MET A 266 6.82 -1.70 6.86
CA MET A 266 5.63 -2.35 7.33
C MET A 266 5.15 -3.11 6.10
N LEU A 267 4.32 -4.12 6.32
CA LEU A 267 3.78 -4.87 5.21
C LEU A 267 2.31 -4.57 5.11
N ALA A 268 1.88 -4.20 3.91
CA ALA A 268 0.45 -4.00 3.62
C ALA A 268 0.05 -5.32 2.97
N PHE A 269 -1.13 -5.84 3.33
CA PHE A 269 -1.59 -7.11 2.78
C PHE A 269 -3.09 -7.17 2.57
N ILE A 270 -3.48 -8.03 1.64
CA ILE A 270 -4.90 -8.27 1.38
C ILE A 270 -5.05 -9.58 0.65
N GLY A 271 -6.04 -10.36 1.09
CA GLY A 271 -6.32 -11.64 0.49
C GLY A 271 -7.62 -12.20 1.06
N ARG A 272 -8.05 -13.32 0.51
CA ARG A 272 -9.27 -13.98 0.98
C ARG A 272 -8.96 -15.41 1.40
N ARG A 273 -9.46 -15.79 2.56
CA ARG A 273 -9.24 -17.13 3.08
C ARG A 273 -9.83 -18.20 2.19
N GLU A 274 -9.03 -19.22 1.91
CA GLU A 274 -9.47 -20.33 1.09
C GLU A 274 -10.06 -21.34 2.06
N GLU A 275 -11.39 -21.44 2.02
CA GLU A 275 -12.17 -22.35 2.86
C GLU A 275 -11.34 -23.32 3.69
ZN ZN B . 2.99 13.91 9.66
C1 BME C . 10.31 -6.25 -0.19
C2 BME C . 8.88 -5.97 -0.65
O1 BME C . 10.58 -7.22 0.53
S2 BME C . 7.60 -6.21 0.60
C1 BME D . 8.17 9.15 0.66
C2 BME D . 6.74 8.98 0.13
O1 BME D . 9.13 9.22 -0.10
S2 BME D . 6.55 7.81 -1.23
#